data_4MH7
#
_entry.id   4MH7
#
_cell.length_a   50.874
_cell.length_b   90.864
_cell.length_c   69.587
_cell.angle_alpha   90.00
_cell.angle_beta   99.98
_cell.angle_gamma   90.00
#
_symmetry.space_group_name_H-M   'P 1 21 1'
#
loop_
_entity.id
_entity.type
_entity.pdbx_description
1 polymer 'Tyrosine-protein kinase Mer'
2 non-polymer 'CHLORIDE ION'
3 non-polymer 'MAGNESIUM ION'
4 non-polymer N-butyl-2-(butylamino)-4-[(trans-4-hydroxycyclohexyl)amino]-N-methylpyrimidine-5-carboxamide
5 water water
#
_entity_poly.entity_id   1
_entity_poly.type   'polypeptide(L)'
_entity_poly.pdbx_seq_one_letter_code
;MGSSHHHHHHSSGLVPRGSEELQNKLEDVVIDRNLLILGKILGEGEFGSVMEGNLKQEDGTSLKVAVKTMKLDNSSQREI
EEFLSEAACMKDFSHPNVIRLLGVCIEMSSQGIPKPMVILPFMKYGDLHTYLLYSRLETGPKHIPLQTLLKFMVDIALGM
EYLSNRNFLHRDLAARNCMLRDDMTVCVADFGLSKKIYSGDYYRQGRIAKMPVKWIAIESLADRVYTSKSDVWAFGVTMW
EIATRGMTPYPGVQNHEMYDYLLHGHRLKQPEDCLDELYEIMYSCWRTDPLDRPTFSVLRLQLEKLLESLPDV
;
_entity_poly.pdbx_strand_id   A,B
#
loop_
_chem_comp.id
_chem_comp.type
_chem_comp.name
_chem_comp.formula
CL non-polymer 'CHLORIDE ION' 'Cl -1'
MG non-polymer 'MAGNESIUM ION' 'Mg 2'
MH7 non-polymer N-butyl-2-(butylamino)-4-[(trans-4-hydroxycyclohexyl)amino]-N-methylpyrimidine-5-carboxamide 'C20 H35 N5 O2'
#
# COMPACT_ATOMS: atom_id res chain seq x y z
N LEU A 26 -33.11 23.18 7.39
CA LEU A 26 -32.95 21.73 7.29
C LEU A 26 -33.87 21.01 8.27
N GLU A 27 -35.04 21.59 8.53
CA GLU A 27 -35.97 21.02 9.49
C GLU A 27 -36.60 19.73 8.96
N ASP A 28 -36.31 19.41 7.70
CA ASP A 28 -36.90 18.24 7.05
C ASP A 28 -36.07 16.98 7.28
N VAL A 29 -34.74 17.14 7.22
CA VAL A 29 -33.81 16.02 7.28
C VAL A 29 -33.62 15.46 8.69
N VAL A 30 -33.93 16.26 9.71
CA VAL A 30 -33.68 15.83 11.09
C VAL A 30 -34.54 14.63 11.48
N ILE A 31 -33.94 13.72 12.25
CA ILE A 31 -34.62 12.53 12.73
C ILE A 31 -34.59 12.47 14.26
N ASP A 32 -35.67 11.95 14.84
CA ASP A 32 -35.77 11.79 16.29
C ASP A 32 -34.71 10.82 16.78
N ARG A 33 -33.97 11.24 17.81
CA ARG A 33 -32.85 10.45 18.33
C ARG A 33 -33.29 9.07 18.80
N ASN A 34 -34.53 8.97 19.27
CA ASN A 34 -35.05 7.73 19.81
C ASN A 34 -35.18 6.64 18.74
N LEU A 35 -35.24 7.05 17.48
CA LEU A 35 -35.38 6.10 16.38
C LEU A 35 -34.05 5.46 16.00
N LEU A 36 -32.97 5.88 16.66
CA LEU A 36 -31.63 5.43 16.31
C LEU A 36 -30.95 4.65 17.43
N ILE A 37 -30.40 3.49 17.07
CA ILE A 37 -29.59 2.68 17.99
C ILE A 37 -28.18 2.58 17.44
N LEU A 38 -27.19 2.91 18.27
CA LEU A 38 -25.78 2.89 17.86
C LEU A 38 -25.06 1.65 18.39
N GLY A 39 -24.19 1.08 17.57
CA GLY A 39 -23.46 -0.12 17.93
C GLY A 39 -21.95 0.05 17.83
N LYS A 40 -21.27 -0.95 17.28
CA LYS A 40 -19.81 -0.93 17.19
C LYS A 40 -19.28 0.11 16.20
N ILE A 41 -17.99 0.43 16.34
CA ILE A 41 -17.31 1.34 15.42
C ILE A 41 -16.87 0.56 14.18
N LEU A 42 -17.24 1.06 13.01
CA LEU A 42 -16.88 0.42 11.75
C LEU A 42 -15.60 0.98 11.15
N GLY A 43 -15.25 2.19 11.56
CA GLY A 43 -14.07 2.85 11.01
C GLY A 43 -13.98 4.30 11.43
N GLU A 44 -12.79 4.88 11.28
CA GLU A 44 -12.54 6.27 11.62
C GLU A 44 -12.62 7.08 10.34
N GLY A 45 -13.13 8.31 10.43
CA GLY A 45 -13.22 9.17 9.27
C GLY A 45 -13.21 10.66 9.59
N GLU A 46 -12.10 11.30 9.24
CA GLU A 46 -11.96 12.75 9.36
C GLU A 46 -12.10 13.19 10.82
N PHE A 47 -13.10 14.01 11.11
CA PHE A 47 -13.30 14.53 12.46
C PHE A 47 -14.37 13.74 13.22
N GLY A 48 -14.20 12.42 13.28
CA GLY A 48 -15.10 11.58 14.04
C GLY A 48 -15.17 10.14 13.56
N SER A 49 -15.66 9.27 14.43
CA SER A 49 -15.71 7.83 14.16
C SER A 49 -17.03 7.45 13.48
N VAL A 50 -16.98 6.41 12.65
CA VAL A 50 -18.18 5.91 11.99
C VAL A 50 -18.61 4.61 12.67
N MET A 51 -19.91 4.50 12.93
CA MET A 51 -20.46 3.38 13.67
C MET A 51 -21.64 2.72 12.96
N GLU A 52 -21.81 1.43 13.21
CA GLU A 52 -23.00 0.72 12.78
C GLU A 52 -24.18 1.19 13.60
N GLY A 53 -25.38 0.94 13.11
CA GLY A 53 -26.58 1.31 13.85
C GLY A 53 -27.86 0.77 13.25
N ASN A 54 -28.94 0.93 14.00
CA ASN A 54 -30.28 0.56 13.55
C ASN A 54 -31.18 1.78 13.51
N LEU A 55 -31.81 2.01 12.35
CA LEU A 55 -32.78 3.10 12.21
C LEU A 55 -34.17 2.52 12.03
N LYS A 56 -35.07 2.83 12.96
CA LYS A 56 -36.47 2.44 12.82
C LYS A 56 -37.16 3.37 11.84
N GLN A 57 -37.70 2.80 10.78
CA GLN A 57 -38.33 3.58 9.71
C GLN A 57 -39.81 3.82 9.99
N GLU A 58 -40.45 4.59 9.11
CA GLU A 58 -41.84 4.98 9.29
C GLU A 58 -42.78 3.79 9.10
N ASP A 59 -42.31 2.76 8.42
CA ASP A 59 -43.12 1.59 8.13
C ASP A 59 -43.04 0.54 9.24
N GLY A 60 -42.37 0.89 10.34
CA GLY A 60 -42.29 0.00 11.49
C GLY A 60 -41.05 -0.87 11.51
N THR A 61 -40.47 -1.12 10.34
CA THR A 61 -39.28 -1.98 10.24
C THR A 61 -38.02 -1.21 10.62
N SER A 62 -36.95 -1.94 10.92
CA SER A 62 -35.66 -1.35 11.26
C SER A 62 -34.64 -1.62 10.15
N LEU A 63 -33.81 -0.62 9.89
CA LEU A 63 -32.82 -0.69 8.81
C LEU A 63 -31.41 -0.56 9.36
N LYS A 64 -30.49 -1.36 8.83
CA LYS A 64 -29.09 -1.26 9.22
C LYS A 64 -28.50 -0.02 8.56
N VAL A 65 -27.81 0.79 9.36
CA VAL A 65 -27.27 2.07 8.88
C VAL A 65 -25.85 2.30 9.38
N ALA A 66 -25.20 3.29 8.79
CA ALA A 66 -23.89 3.77 9.25
C ALA A 66 -24.02 5.21 9.73
N VAL A 67 -23.41 5.51 10.87
CA VAL A 67 -23.56 6.80 11.53
C VAL A 67 -22.23 7.53 11.71
N LYS A 68 -22.08 8.66 11.03
CA LYS A 68 -20.91 9.51 11.22
C LYS A 68 -21.09 10.40 12.44
N THR A 69 -20.22 10.23 13.44
CA THR A 69 -20.25 11.06 14.64
C THR A 69 -19.15 12.09 14.62
N ALA A 87 -25.80 20.17 3.87
CA ALA A 87 -26.17 18.90 4.48
C ALA A 87 -27.55 18.48 4.02
N ALA A 88 -28.50 19.42 4.06
CA ALA A 88 -29.87 19.17 3.61
C ALA A 88 -29.91 18.96 2.10
N CYS A 89 -28.95 19.55 1.41
CA CYS A 89 -28.86 19.43 -0.04
C CYS A 89 -28.53 18.00 -0.45
N MET A 90 -27.76 17.30 0.38
CA MET A 90 -27.41 15.91 0.08
C MET A 90 -28.64 15.03 0.04
N LYS A 91 -29.68 15.41 0.78
CA LYS A 91 -30.90 14.62 0.82
C LYS A 91 -31.69 14.85 -0.47
N ASP A 92 -31.42 15.97 -1.13
CA ASP A 92 -32.07 16.26 -2.40
C ASP A 92 -31.44 15.43 -3.51
N PHE A 93 -30.21 14.96 -3.29
CA PHE A 93 -29.55 14.07 -4.25
C PHE A 93 -30.34 12.77 -4.36
N SER A 94 -30.53 12.30 -5.58
CA SER A 94 -31.26 11.06 -5.83
C SER A 94 -30.72 10.36 -7.07
N HIS A 95 -29.85 9.39 -6.84
CA HIS A 95 -29.22 8.66 -7.94
C HIS A 95 -28.68 7.33 -7.40
N PRO A 96 -28.90 6.23 -8.13
CA PRO A 96 -28.46 4.91 -7.64
C PRO A 96 -26.95 4.80 -7.48
N ASN A 97 -26.20 5.69 -8.11
CA ASN A 97 -24.74 5.69 -8.04
C ASN A 97 -24.22 6.81 -7.14
N VAL A 98 -25.10 7.32 -6.28
CA VAL A 98 -24.73 8.31 -5.27
C VAL A 98 -25.34 7.86 -3.95
N ILE A 99 -24.57 7.89 -2.88
CA ILE A 99 -25.07 7.44 -1.59
C ILE A 99 -26.10 8.44 -1.08
N ARG A 100 -27.23 7.92 -0.62
CA ARG A 100 -28.34 8.76 -0.17
C ARG A 100 -28.21 9.11 1.30
N LEU A 101 -28.61 10.32 1.65
CA LEU A 101 -28.68 10.73 3.04
C LEU A 101 -30.00 10.28 3.61
N LEU A 102 -29.95 9.48 4.67
CA LEU A 102 -31.15 8.96 5.31
C LEU A 102 -31.69 9.99 6.30
N GLY A 103 -30.78 10.83 6.83
CA GLY A 103 -31.15 11.88 7.75
C GLY A 103 -30.02 12.20 8.70
N VAL A 104 -30.27 13.11 9.63
CA VAL A 104 -29.29 13.46 10.65
C VAL A 104 -29.96 13.54 12.03
N CYS A 105 -29.20 13.18 13.06
CA CYS A 105 -29.67 13.29 14.44
C CYS A 105 -28.70 14.16 15.25
N ILE A 106 -29.22 14.77 16.31
CA ILE A 106 -28.39 15.53 17.23
C ILE A 106 -28.59 14.97 18.63
N GLU A 107 -27.48 14.61 19.28
CA GLU A 107 -27.52 14.12 20.65
C GLU A 107 -26.99 15.17 21.60
N MET A 108 -27.62 15.30 22.76
CA MET A 108 -27.14 16.18 23.82
C MET A 108 -26.43 15.35 24.89
N SER A 109 -25.14 15.57 25.04
CA SER A 109 -24.33 14.83 26.01
C SER A 109 -24.75 15.20 27.43
N SER A 110 -24.14 14.53 28.41
CA SER A 110 -24.45 14.75 29.81
C SER A 110 -24.22 16.21 30.20
N GLN A 111 -23.24 16.84 29.57
CA GLN A 111 -22.89 18.22 29.85
C GLN A 111 -23.66 19.21 28.97
N GLY A 112 -24.49 18.67 28.08
CA GLY A 112 -25.31 19.50 27.21
C GLY A 112 -24.62 19.86 25.91
N ILE A 113 -23.41 19.36 25.71
CA ILE A 113 -22.68 19.61 24.47
C ILE A 113 -23.41 18.92 23.31
N PRO A 114 -23.65 19.66 22.21
CA PRO A 114 -24.33 19.03 21.08
C PRO A 114 -23.38 18.22 20.22
N LYS A 115 -23.82 17.05 19.77
CA LYS A 115 -22.99 16.16 18.96
C LYS A 115 -23.81 15.58 17.81
N PRO A 116 -23.83 16.28 16.66
CA PRO A 116 -24.62 15.92 15.47
C PRO A 116 -24.14 14.63 14.80
N MET A 117 -25.07 13.89 14.21
CA MET A 117 -24.75 12.60 13.61
C MET A 117 -25.44 12.45 12.26
N VAL A 118 -24.69 12.01 11.26
CA VAL A 118 -25.19 11.84 9.90
C VAL A 118 -25.49 10.37 9.61
N ILE A 119 -26.75 10.07 9.31
CA ILE A 119 -27.19 8.71 9.05
C ILE A 119 -27.04 8.36 7.56
N LEU A 120 -26.33 7.27 7.30
CA LEU A 120 -26.09 6.80 5.93
C LEU A 120 -26.39 5.31 5.84
N PRO A 121 -26.67 4.81 4.62
CA PRO A 121 -26.96 3.38 4.45
C PRO A 121 -25.76 2.46 4.77
N PHE A 122 -26.06 1.25 5.22
CA PHE A 122 -25.03 0.27 5.55
C PHE A 122 -24.70 -0.61 4.35
N MET A 123 -23.46 -0.49 3.89
CA MET A 123 -22.97 -1.24 2.73
C MET A 123 -22.13 -2.44 3.17
N LYS A 124 -22.74 -3.62 3.24
CA LYS A 124 -22.07 -4.78 3.82
C LYS A 124 -20.85 -5.24 3.01
N TYR A 125 -20.84 -4.94 1.72
CA TYR A 125 -19.72 -5.32 0.86
C TYR A 125 -18.56 -4.33 0.98
N GLY A 126 -18.81 -3.20 1.62
CA GLY A 126 -17.75 -2.26 1.97
C GLY A 126 -17.25 -1.41 0.82
N ASP A 127 -16.12 -0.75 1.04
CA ASP A 127 -15.55 0.15 0.05
C ASP A 127 -14.96 -0.64 -1.11
N LEU A 128 -14.89 -0.01 -2.28
CA LEU A 128 -14.41 -0.69 -3.48
C LEU A 128 -12.92 -0.99 -3.43
N HIS A 129 -12.15 -0.06 -2.86
CA HIS A 129 -10.70 -0.22 -2.79
C HIS A 129 -10.33 -1.52 -2.08
N THR A 130 -10.98 -1.76 -0.95
CA THR A 130 -10.74 -2.96 -0.17
C THR A 130 -11.24 -4.21 -0.92
N TYR A 131 -12.37 -4.06 -1.61
CA TYR A 131 -12.95 -5.17 -2.35
C TYR A 131 -12.03 -5.64 -3.47
N LEU A 132 -11.38 -4.69 -4.13
CA LEU A 132 -10.45 -5.01 -5.21
C LEU A 132 -9.27 -5.84 -4.70
N LEU A 133 -8.76 -5.49 -3.52
CA LEU A 133 -7.62 -6.17 -2.94
C LEU A 133 -8.00 -7.59 -2.49
N TYR A 134 -9.18 -7.73 -1.92
CA TYR A 134 -9.65 -9.04 -1.47
C TYR A 134 -9.77 -10.02 -2.64
N SER A 135 -10.18 -9.51 -3.79
CA SER A 135 -10.40 -10.34 -4.97
C SER A 135 -9.10 -11.01 -5.42
N ARG A 136 -7.97 -10.44 -5.04
CA ARG A 136 -6.67 -10.98 -5.41
C ARG A 136 -6.30 -12.18 -4.54
N LEU A 137 -7.05 -12.37 -3.46
CA LEU A 137 -6.80 -13.46 -2.53
C LEU A 137 -7.87 -14.53 -2.64
N GLU A 138 -7.54 -15.75 -2.22
CA GLU A 138 -8.54 -16.81 -2.15
C GLU A 138 -9.52 -16.48 -1.03
N THR A 139 -10.55 -17.30 -0.85
CA THR A 139 -11.58 -17.07 0.18
C THR A 139 -12.41 -15.82 -0.12
N GLY A 140 -11.75 -14.73 -0.48
CA GLY A 140 -12.43 -13.51 -0.88
C GLY A 140 -13.14 -13.72 -2.22
N PRO A 141 -13.78 -12.66 -2.74
CA PRO A 141 -14.51 -12.77 -4.00
C PRO A 141 -13.66 -13.32 -5.14
N LYS A 142 -14.30 -13.85 -6.16
CA LYS A 142 -13.59 -14.43 -7.30
C LYS A 142 -12.74 -13.40 -8.04
N HIS A 143 -11.96 -13.88 -8.99
CA HIS A 143 -11.19 -12.98 -9.86
C HIS A 143 -12.16 -12.11 -10.65
N ILE A 144 -12.07 -10.80 -10.45
CA ILE A 144 -12.97 -9.86 -11.10
C ILE A 144 -12.55 -9.65 -12.56
N PRO A 145 -13.40 -10.07 -13.51
CA PRO A 145 -13.04 -9.91 -14.92
C PRO A 145 -13.08 -8.46 -15.38
N LEU A 146 -12.56 -8.20 -16.58
CA LEU A 146 -12.48 -6.84 -17.11
C LEU A 146 -13.87 -6.23 -17.27
N GLN A 147 -14.86 -7.05 -17.62
CA GLN A 147 -16.22 -6.58 -17.84
C GLN A 147 -16.80 -5.98 -16.56
N THR A 148 -16.56 -6.63 -15.43
CA THR A 148 -17.07 -6.17 -14.15
C THR A 148 -16.33 -4.91 -13.70
N LEU A 149 -15.02 -4.87 -13.96
CA LEU A 149 -14.20 -3.72 -13.60
C LEU A 149 -14.67 -2.47 -14.33
N LEU A 150 -15.00 -2.62 -15.60
CA LEU A 150 -15.47 -1.50 -16.40
C LEU A 150 -16.81 -1.00 -15.85
N LYS A 151 -17.65 -1.93 -15.41
CA LYS A 151 -18.96 -1.58 -14.87
C LYS A 151 -18.81 -0.75 -13.60
N PHE A 152 -17.77 -1.05 -12.80
CA PHE A 152 -17.46 -0.24 -11.62
C PHE A 152 -17.17 1.20 -12.05
N MET A 153 -16.39 1.34 -13.12
CA MET A 153 -16.02 2.66 -13.63
C MET A 153 -17.24 3.40 -14.15
N VAL A 154 -18.10 2.69 -14.87
CA VAL A 154 -19.34 3.28 -15.39
C VAL A 154 -20.21 3.80 -14.25
N ASP A 155 -20.40 2.98 -13.23
CA ASP A 155 -21.20 3.36 -12.07
C ASP A 155 -20.70 4.68 -11.46
N ILE A 156 -19.40 4.77 -11.26
CA ILE A 156 -18.80 5.97 -10.69
C ILE A 156 -18.98 7.16 -11.62
N ALA A 157 -18.83 6.92 -12.92
CA ALA A 157 -18.99 7.96 -13.92
C ALA A 157 -20.43 8.47 -13.93
N LEU A 158 -21.39 7.56 -13.76
CA LEU A 158 -22.79 7.92 -13.70
C LEU A 158 -23.08 8.75 -12.45
N GLY A 159 -22.47 8.38 -11.35
CA GLY A 159 -22.63 9.10 -10.10
C GLY A 159 -22.09 10.51 -10.18
N MET A 160 -20.92 10.66 -10.79
CA MET A 160 -20.28 11.97 -10.91
C MET A 160 -20.97 12.84 -11.95
N GLU A 161 -21.49 12.21 -13.00
CA GLU A 161 -22.26 12.93 -14.01
C GLU A 161 -23.45 13.63 -13.35
N TYR A 162 -24.06 12.94 -12.41
CA TYR A 162 -25.21 13.48 -11.67
C TYR A 162 -24.81 14.69 -10.84
N LEU A 163 -23.71 14.56 -10.10
CA LEU A 163 -23.24 15.64 -9.24
C LEU A 163 -22.69 16.82 -10.04
N SER A 164 -22.07 16.52 -11.18
CA SER A 164 -21.46 17.54 -12.02
C SER A 164 -22.53 18.43 -12.65
N ASN A 165 -23.69 17.84 -12.95
CA ASN A 165 -24.80 18.59 -13.52
C ASN A 165 -25.42 19.55 -12.52
N ARG A 166 -25.23 19.28 -11.23
CA ARG A 166 -25.70 20.16 -10.17
C ARG A 166 -24.58 21.05 -9.65
N ASN A 167 -23.48 21.10 -10.39
CA ASN A 167 -22.35 21.96 -10.06
C ASN A 167 -21.82 21.72 -8.65
N PHE A 168 -21.89 20.47 -8.20
CA PHE A 168 -21.36 20.07 -6.91
C PHE A 168 -19.99 19.42 -7.06
N LEU A 169 -19.01 19.92 -6.31
CA LEU A 169 -17.65 19.40 -6.36
C LEU A 169 -17.44 18.32 -5.29
N HIS A 170 -16.82 17.22 -5.69
CA HIS A 170 -16.59 16.09 -4.78
C HIS A 170 -15.41 16.36 -3.85
N ARG A 171 -14.28 16.75 -4.45
CA ARG A 171 -13.08 17.16 -3.72
C ARG A 171 -12.32 16.02 -3.03
N ASP A 172 -12.77 14.78 -3.21
CA ASP A 172 -12.08 13.66 -2.57
C ASP A 172 -12.51 12.32 -3.19
N LEU A 173 -12.54 12.25 -4.51
CA LEU A 173 -12.94 11.03 -5.20
C LEU A 173 -11.78 10.04 -5.26
N ALA A 174 -12.01 8.84 -4.75
CA ALA A 174 -11.02 7.77 -4.78
C ALA A 174 -11.71 6.44 -4.55
N ALA A 175 -11.04 5.34 -4.89
CA ALA A 175 -11.62 4.01 -4.75
C ALA A 175 -12.03 3.73 -3.30
N ARG A 176 -11.28 4.26 -2.35
CA ARG A 176 -11.58 4.08 -0.93
C ARG A 176 -12.89 4.78 -0.55
N ASN A 177 -13.26 5.78 -1.33
CA ASN A 177 -14.47 6.56 -1.06
C ASN A 177 -15.65 6.15 -1.94
N CYS A 178 -15.51 5.02 -2.63
CA CYS A 178 -16.61 4.42 -3.38
C CYS A 178 -17.12 3.18 -2.66
N MET A 179 -18.43 3.10 -2.45
CA MET A 179 -19.02 2.00 -1.68
C MET A 179 -19.77 1.00 -2.55
N LEU A 180 -19.74 -0.26 -2.14
CA LEU A 180 -20.44 -1.33 -2.85
C LEU A 180 -21.75 -1.71 -2.20
N ARG A 181 -22.82 -1.59 -2.98
CA ARG A 181 -24.17 -1.93 -2.54
C ARG A 181 -24.45 -3.42 -2.70
N ASP A 182 -25.57 -3.86 -2.16
CA ASP A 182 -25.90 -5.28 -2.10
C ASP A 182 -26.15 -5.86 -3.49
N ASP A 183 -26.41 -4.99 -4.46
CA ASP A 183 -26.56 -5.41 -5.85
C ASP A 183 -25.23 -5.26 -6.60
N MET A 184 -24.16 -5.04 -5.85
CA MET A 184 -22.80 -4.92 -6.40
C MET A 184 -22.65 -3.76 -7.38
N THR A 185 -23.55 -2.79 -7.30
CA THR A 185 -23.39 -1.54 -8.03
C THR A 185 -22.62 -0.56 -7.13
N VAL A 186 -21.82 0.30 -7.74
CA VAL A 186 -20.98 1.24 -7.00
C VAL A 186 -21.67 2.59 -6.86
N CYS A 187 -21.46 3.24 -5.73
CA CYS A 187 -21.93 4.60 -5.52
C CYS A 187 -20.85 5.44 -4.84
N VAL A 188 -20.75 6.71 -5.24
CA VAL A 188 -19.74 7.61 -4.68
C VAL A 188 -20.18 8.17 -3.33
N ALA A 189 -19.21 8.41 -2.46
CA ALA A 189 -19.49 8.93 -1.13
C ALA A 189 -18.33 9.79 -0.62
N ASP A 190 -18.47 10.26 0.61
CA ASP A 190 -17.42 10.99 1.31
C ASP A 190 -17.13 12.36 0.67
N PHE A 191 -18.20 13.08 0.37
CA PHE A 191 -18.10 14.42 -0.19
C PHE A 191 -18.86 15.43 0.65
N PRO A 212 -3.85 12.86 0.51
CA PRO A 212 -4.54 12.56 -0.76
C PRO A 212 -3.86 13.22 -1.96
N VAL A 213 -2.58 13.54 -1.82
CA VAL A 213 -1.85 14.30 -2.84
C VAL A 213 -1.87 13.62 -4.20
N LYS A 214 -1.89 12.28 -4.20
CA LYS A 214 -1.78 11.52 -5.44
C LYS A 214 -3.09 11.48 -6.23
N TRP A 215 -4.13 12.14 -5.71
CA TRP A 215 -5.42 12.21 -6.38
C TRP A 215 -5.75 13.65 -6.80
N ILE A 216 -5.01 14.61 -6.29
CA ILE A 216 -5.28 16.02 -6.54
C ILE A 216 -4.67 16.46 -7.87
N ALA A 217 -5.47 17.19 -8.66
CA ALA A 217 -5.05 17.65 -9.98
C ALA A 217 -3.90 18.64 -9.86
N ILE A 218 -3.12 18.75 -10.93
CA ILE A 218 -1.91 19.56 -10.91
C ILE A 218 -2.20 21.04 -10.61
N GLU A 219 -3.31 21.55 -11.14
CA GLU A 219 -3.67 22.95 -10.92
C GLU A 219 -4.18 23.15 -9.51
N SER A 220 -4.75 22.11 -8.92
CA SER A 220 -5.31 22.17 -7.57
C SER A 220 -4.20 22.10 -6.51
N LEU A 221 -2.99 21.75 -6.94
CA LEU A 221 -1.84 21.74 -6.04
C LEU A 221 -1.15 23.10 -6.04
N ALA A 222 -0.94 23.64 -7.24
CA ALA A 222 -0.31 24.95 -7.39
C ALA A 222 -1.13 26.05 -6.73
N ASP A 223 -2.43 26.06 -7.02
CA ASP A 223 -3.35 27.05 -6.46
C ASP A 223 -4.47 26.32 -5.70
N ARG A 224 -5.41 27.09 -5.15
CA ARG A 224 -6.57 26.52 -4.48
C ARG A 224 -7.75 26.44 -5.44
N VAL A 225 -7.47 26.37 -6.73
CA VAL A 225 -8.51 26.28 -7.74
C VAL A 225 -9.01 24.83 -7.83
N TYR A 226 -10.32 24.66 -7.81
CA TYR A 226 -10.91 23.33 -7.92
C TYR A 226 -12.27 23.37 -8.64
N THR A 227 -12.36 22.63 -9.73
CA THR A 227 -13.59 22.53 -10.51
C THR A 227 -13.94 21.08 -10.77
N SER A 228 -14.96 20.86 -11.59
CA SER A 228 -15.37 19.51 -11.96
C SER A 228 -14.25 18.81 -12.73
N LYS A 229 -13.43 19.61 -13.42
CA LYS A 229 -12.30 19.07 -14.16
C LYS A 229 -11.25 18.51 -13.22
N SER A 230 -11.29 18.95 -11.97
CA SER A 230 -10.41 18.40 -10.94
C SER A 230 -10.94 17.04 -10.49
N ASP A 231 -12.26 16.94 -10.40
CA ASP A 231 -12.90 15.68 -10.08
C ASP A 231 -12.65 14.66 -11.19
N VAL A 232 -12.59 15.14 -12.42
CA VAL A 232 -12.29 14.28 -13.57
C VAL A 232 -10.90 13.69 -13.42
N TRP A 233 -9.95 14.51 -12.99
CA TRP A 233 -8.58 14.07 -12.75
C TRP A 233 -8.58 12.94 -11.74
N ALA A 234 -9.23 13.16 -10.61
CA ALA A 234 -9.29 12.17 -9.54
C ALA A 234 -10.01 10.91 -10.00
N PHE A 235 -10.95 11.07 -10.92
CA PHE A 235 -11.68 9.92 -11.48
C PHE A 235 -10.73 9.08 -12.33
N GLY A 236 -9.84 9.74 -13.05
CA GLY A 236 -8.85 9.05 -13.86
C GLY A 236 -7.97 8.17 -12.99
N VAL A 237 -7.60 8.68 -11.83
CA VAL A 237 -6.79 7.92 -10.89
C VAL A 237 -7.58 6.74 -10.33
N THR A 238 -8.85 6.97 -10.06
CA THR A 238 -9.73 5.93 -9.54
C THR A 238 -9.83 4.79 -10.55
N MET A 239 -9.94 5.14 -11.83
CA MET A 239 -9.95 4.15 -12.90
C MET A 239 -8.69 3.30 -12.87
N TRP A 240 -7.58 3.95 -12.53
CA TRP A 240 -6.28 3.29 -12.48
C TRP A 240 -6.21 2.32 -11.32
N GLU A 241 -6.74 2.74 -10.17
CA GLU A 241 -6.83 1.87 -8.99
C GLU A 241 -7.61 0.61 -9.32
N ILE A 242 -8.68 0.78 -10.08
CA ILE A 242 -9.56 -0.32 -10.43
C ILE A 242 -8.90 -1.25 -11.44
N ALA A 243 -8.25 -0.67 -12.45
CA ALA A 243 -7.60 -1.45 -13.49
C ALA A 243 -6.43 -2.25 -12.93
N THR A 244 -5.79 -1.72 -11.88
CA THR A 244 -4.66 -2.37 -11.23
C THR A 244 -5.10 -3.19 -10.02
N ARG A 245 -6.40 -3.18 -9.74
CA ARG A 245 -6.95 -3.92 -8.61
C ARG A 245 -6.33 -3.51 -7.27
N GLY A 246 -6.21 -2.20 -7.06
CA GLY A 246 -5.90 -1.66 -5.76
C GLY A 246 -4.47 -1.20 -5.52
N MET A 247 -3.71 -0.98 -6.59
CA MET A 247 -2.35 -0.46 -6.43
C MET A 247 -2.40 0.98 -5.95
N THR A 248 -1.40 1.37 -5.19
CA THR A 248 -1.23 2.77 -4.79
C THR A 248 -0.68 3.55 -5.98
N PRO A 249 -1.31 4.69 -6.31
CA PRO A 249 -0.83 5.48 -7.45
C PRO A 249 0.66 5.83 -7.39
N TYR A 250 1.29 5.88 -8.55
CA TYR A 250 2.68 6.35 -8.68
C TYR A 250 3.64 5.57 -7.78
N PRO A 251 3.79 4.26 -8.05
CA PRO A 251 4.77 3.46 -7.30
C PRO A 251 6.19 3.97 -7.52
N GLY A 252 6.95 4.08 -6.44
CA GLY A 252 8.32 4.58 -6.53
C GLY A 252 8.39 6.09 -6.35
N VAL A 253 7.23 6.74 -6.34
CA VAL A 253 7.14 8.19 -6.17
C VAL A 253 6.49 8.56 -4.85
N GLN A 254 7.15 9.43 -4.09
CA GLN A 254 6.63 9.87 -2.79
C GLN A 254 5.77 11.12 -2.96
N ASN A 255 4.94 11.40 -1.95
CA ASN A 255 3.99 12.50 -2.01
C ASN A 255 4.63 13.86 -2.26
N HIS A 256 5.73 14.13 -1.58
CA HIS A 256 6.39 15.44 -1.69
C HIS A 256 7.06 15.64 -3.04
N GLU A 257 7.10 14.58 -3.85
CA GLU A 257 7.72 14.63 -5.17
C GLU A 257 6.67 14.72 -6.28
N MET A 258 5.40 14.68 -5.90
CA MET A 258 4.31 14.57 -6.88
C MET A 258 4.20 15.79 -7.78
N TYR A 259 4.23 17.00 -7.19
CA TYR A 259 4.05 18.22 -7.96
C TYR A 259 5.09 18.35 -9.07
N ASP A 260 6.36 18.15 -8.72
CA ASP A 260 7.44 18.24 -9.70
C ASP A 260 7.37 17.08 -10.70
N TYR A 261 6.87 15.95 -10.24
CA TYR A 261 6.71 14.77 -11.09
C TYR A 261 5.68 15.01 -12.19
N LEU A 262 4.53 15.54 -11.80
CA LEU A 262 3.46 15.83 -12.75
C LEU A 262 3.84 17.04 -13.62
N LEU A 263 4.45 18.04 -12.99
CA LEU A 263 4.84 19.26 -13.68
C LEU A 263 5.80 18.98 -14.84
N HIS A 264 6.60 17.94 -14.69
CA HIS A 264 7.56 17.55 -15.73
C HIS A 264 6.90 16.69 -16.81
N GLY A 265 5.59 16.47 -16.68
CA GLY A 265 4.82 15.82 -17.73
C GLY A 265 4.57 14.34 -17.52
N HIS A 266 5.06 13.80 -16.41
CA HIS A 266 4.87 12.37 -16.12
C HIS A 266 3.46 12.09 -15.60
N ARG A 267 2.92 10.93 -15.97
CA ARG A 267 1.59 10.51 -15.58
C ARG A 267 1.57 9.03 -15.17
N LEU A 268 0.44 8.58 -14.63
CA LEU A 268 0.30 7.19 -14.23
C LEU A 268 0.52 6.27 -15.43
N LYS A 269 1.36 5.26 -15.25
CA LYS A 269 1.72 4.35 -16.33
C LYS A 269 0.62 3.32 -16.61
N GLN A 270 0.61 2.80 -17.83
CA GLN A 270 -0.39 1.83 -18.27
C GLN A 270 -0.22 0.46 -17.60
N PRO A 271 -1.27 -0.05 -16.94
CA PRO A 271 -1.20 -1.41 -16.38
C PRO A 271 -0.99 -2.49 -17.44
N GLU A 272 -0.37 -3.60 -17.04
CA GLU A 272 0.10 -4.63 -17.97
C GLU A 272 -1.00 -5.21 -18.88
N ASP A 273 -2.14 -5.58 -18.29
CA ASP A 273 -3.20 -6.24 -19.03
C ASP A 273 -4.36 -5.27 -19.28
N CYS A 274 -4.03 -3.98 -19.34
CA CYS A 274 -5.02 -2.94 -19.60
C CYS A 274 -5.07 -2.59 -21.09
N LEU A 275 -6.29 -2.54 -21.63
CA LEU A 275 -6.50 -2.24 -23.04
C LEU A 275 -6.04 -0.84 -23.39
N ASP A 276 -5.51 -0.67 -24.61
CA ASP A 276 -5.09 0.65 -25.08
C ASP A 276 -6.24 1.63 -25.03
N GLU A 277 -7.42 1.18 -25.46
CA GLU A 277 -8.60 2.03 -25.49
C GLU A 277 -8.95 2.50 -24.09
N LEU A 278 -8.78 1.62 -23.10
CA LEU A 278 -9.10 1.97 -21.72
C LEU A 278 -8.09 2.96 -21.16
N TYR A 279 -6.82 2.77 -21.48
CA TYR A 279 -5.78 3.67 -20.96
C TYR A 279 -5.92 5.06 -21.57
N GLU A 280 -6.38 5.13 -22.81
CA GLU A 280 -6.61 6.40 -23.50
C GLU A 280 -7.67 7.22 -22.77
N ILE A 281 -8.70 6.55 -22.29
CA ILE A 281 -9.79 7.21 -21.57
C ILE A 281 -9.29 7.84 -20.28
N MET A 282 -8.61 7.05 -19.45
CA MET A 282 -8.15 7.54 -18.16
C MET A 282 -7.03 8.56 -18.33
N TYR A 283 -6.26 8.45 -19.40
CA TYR A 283 -5.16 9.37 -19.65
C TYR A 283 -5.69 10.76 -19.99
N SER A 284 -6.82 10.81 -20.67
CA SER A 284 -7.43 12.08 -21.06
C SER A 284 -7.86 12.90 -19.84
N CYS A 285 -7.96 12.23 -18.69
CA CYS A 285 -8.35 12.90 -17.45
C CYS A 285 -7.19 13.68 -16.83
N TRP A 286 -5.97 13.43 -17.30
CA TRP A 286 -4.77 13.99 -16.68
C TRP A 286 -4.09 15.05 -17.53
N ARG A 287 -4.81 15.57 -18.53
CA ARG A 287 -4.26 16.63 -19.37
C ARG A 287 -4.02 17.88 -18.53
N THR A 288 -2.90 18.54 -18.78
CA THR A 288 -2.45 19.66 -17.95
C THR A 288 -3.52 20.75 -17.84
N ASP A 289 -4.07 21.18 -18.97
CA ASP A 289 -5.12 22.19 -18.98
C ASP A 289 -6.46 21.53 -18.67
N PRO A 290 -7.12 21.95 -17.58
CA PRO A 290 -8.40 21.31 -17.20
C PRO A 290 -9.45 21.33 -18.30
N LEU A 291 -9.40 22.34 -19.17
CA LEU A 291 -10.38 22.47 -20.23
C LEU A 291 -10.22 21.39 -21.28
N ASP A 292 -9.03 20.79 -21.36
CA ASP A 292 -8.76 19.74 -22.32
C ASP A 292 -9.33 18.41 -21.86
N ARG A 293 -9.67 18.31 -20.58
CA ARG A 293 -10.22 17.08 -20.03
C ARG A 293 -11.69 16.90 -20.43
N PRO A 294 -12.12 15.67 -20.68
CA PRO A 294 -13.52 15.43 -21.03
C PRO A 294 -14.44 15.52 -19.81
N THR A 295 -15.72 15.79 -20.06
CA THR A 295 -16.71 15.82 -18.99
C THR A 295 -17.05 14.41 -18.55
N PHE A 296 -17.76 14.28 -17.44
CA PHE A 296 -18.16 12.98 -16.94
C PHE A 296 -19.17 12.32 -17.88
N SER A 297 -20.00 13.13 -18.53
CA SER A 297 -20.98 12.62 -19.47
C SER A 297 -20.28 12.01 -20.70
N VAL A 298 -19.15 12.59 -21.08
CA VAL A 298 -18.34 12.05 -22.16
C VAL A 298 -17.67 10.75 -21.71
N LEU A 299 -16.97 10.81 -20.59
CA LEU A 299 -16.25 9.65 -20.06
C LEU A 299 -17.18 8.46 -19.85
N ARG A 300 -18.38 8.73 -19.36
CA ARG A 300 -19.35 7.69 -19.07
C ARG A 300 -19.73 6.94 -20.36
N LEU A 301 -19.94 7.69 -21.44
CA LEU A 301 -20.35 7.08 -22.71
C LEU A 301 -19.19 6.32 -23.34
N GLN A 302 -17.98 6.84 -23.16
CA GLN A 302 -16.78 6.18 -23.68
C GLN A 302 -16.59 4.82 -23.02
N LEU A 303 -16.75 4.79 -21.70
CA LEU A 303 -16.63 3.56 -20.93
C LEU A 303 -17.75 2.58 -21.28
N GLU A 304 -18.96 3.11 -21.46
CA GLU A 304 -20.10 2.29 -21.81
C GLU A 304 -19.92 1.65 -23.18
N LYS A 305 -19.45 2.42 -24.15
CA LYS A 305 -19.26 1.90 -25.50
C LYS A 305 -18.15 0.85 -25.51
N LEU A 306 -17.07 1.13 -24.77
CA LEU A 306 -15.96 0.20 -24.68
C LEU A 306 -16.40 -1.11 -24.06
N LEU A 307 -17.30 -1.02 -23.07
CA LEU A 307 -17.80 -2.21 -22.40
C LEU A 307 -18.65 -3.07 -23.34
N GLU A 308 -19.52 -2.43 -24.11
CA GLU A 308 -20.41 -3.15 -25.01
C GLU A 308 -19.66 -3.77 -26.18
N SER A 309 -18.44 -3.30 -26.41
CA SER A 309 -17.62 -3.80 -27.51
C SER A 309 -16.94 -5.12 -27.16
N LEU A 310 -17.03 -5.52 -25.90
CA LEU A 310 -16.46 -6.78 -25.45
C LEU A 310 -17.43 -7.93 -25.70
N LEU B 26 38.48 -0.59 16.44
CA LEU B 26 37.49 -0.51 15.37
C LEU B 26 37.90 0.53 14.32
N GLU B 27 39.20 0.73 14.20
CA GLU B 27 39.75 1.70 13.25
C GLU B 27 39.73 1.19 11.81
N ASP B 28 39.31 -0.05 11.63
CA ASP B 28 39.35 -0.70 10.32
C ASP B 28 38.12 -0.39 9.48
N VAL B 29 36.95 -0.38 10.11
CA VAL B 29 35.70 -0.19 9.38
C VAL B 29 35.54 1.27 8.98
N VAL B 30 36.19 2.16 9.72
CA VAL B 30 36.08 3.59 9.47
C VAL B 30 36.74 3.99 8.16
N ILE B 31 36.10 4.93 7.46
CA ILE B 31 36.63 5.48 6.21
C ILE B 31 36.83 6.98 6.36
N ASP B 32 37.88 7.50 5.74
CA ASP B 32 38.15 8.94 5.79
C ASP B 32 37.05 9.70 5.08
N ARG B 33 36.51 10.72 5.75
CA ARG B 33 35.39 11.48 5.23
C ARG B 33 35.69 12.13 3.88
N ASN B 34 36.95 12.50 3.66
CA ASN B 34 37.35 13.17 2.43
C ASN B 34 37.21 12.26 1.21
N LEU B 35 37.19 10.96 1.45
CA LEU B 35 37.08 9.97 0.37
C LEU B 35 35.63 9.82 -0.11
N LEU B 36 34.72 10.54 0.53
CA LEU B 36 33.29 10.39 0.26
C LEU B 36 32.70 11.65 -0.35
N ILE B 37 31.93 11.46 -1.42
CA ILE B 37 31.17 12.55 -2.04
C ILE B 37 29.68 12.25 -1.92
N LEU B 38 28.93 13.22 -1.37
CA LEU B 38 27.49 13.06 -1.18
C LEU B 38 26.70 13.79 -2.26
N GLY B 39 25.63 13.15 -2.71
CA GLY B 39 24.79 13.69 -3.78
C GLY B 39 23.33 13.83 -3.39
N LYS B 40 22.45 13.40 -4.30
CA LYS B 40 21.01 13.53 -4.10
C LYS B 40 20.51 12.64 -2.97
N ILE B 41 19.33 12.98 -2.44
CA ILE B 41 18.67 12.16 -1.43
C ILE B 41 17.84 11.06 -2.10
N LEU B 42 18.03 9.83 -1.64
CA LEU B 42 17.30 8.68 -2.19
C LEU B 42 16.01 8.45 -1.40
N GLY B 43 15.95 9.01 -0.19
CA GLY B 43 14.78 8.91 0.65
C GLY B 43 15.06 9.50 2.02
N GLU B 44 14.01 9.95 2.70
CA GLU B 44 14.14 10.59 4.01
C GLU B 44 13.72 9.68 5.17
N GLY B 48 15.89 9.48 9.14
CA GLY B 48 16.72 8.41 8.59
C GLY B 48 16.93 8.45 7.09
N SER B 49 17.63 9.46 6.60
CA SER B 49 17.73 9.67 5.16
C SER B 49 18.86 8.88 4.49
N VAL B 50 18.59 8.44 3.27
CA VAL B 50 19.57 7.77 2.44
C VAL B 50 19.96 8.67 1.28
N MET B 51 21.26 8.75 0.99
CA MET B 51 21.76 9.62 -0.08
C MET B 51 22.67 8.84 -1.01
N GLU B 52 22.67 9.23 -2.30
CA GLU B 52 23.63 8.70 -3.24
C GLU B 52 25.00 9.29 -2.94
N GLY B 53 26.05 8.64 -3.43
CA GLY B 53 27.38 9.16 -3.24
C GLY B 53 28.45 8.42 -4.02
N ASN B 54 29.66 9.00 -4.01
CA ASN B 54 30.82 8.40 -4.63
C ASN B 54 31.90 8.15 -3.57
N LEU B 55 32.39 6.92 -3.53
CA LEU B 55 33.48 6.54 -2.64
C LEU B 55 34.75 6.27 -3.41
N LYS B 56 35.79 7.05 -3.15
CA LYS B 56 37.09 6.79 -3.72
C LYS B 56 37.73 5.64 -2.95
N GLN B 57 38.03 4.56 -3.64
CA GLN B 57 38.59 3.37 -3.01
C GLN B 57 40.11 3.45 -2.97
N GLU B 58 40.72 2.49 -2.29
CA GLU B 58 42.17 2.48 -2.11
C GLU B 58 42.90 2.14 -3.40
N ASP B 59 42.19 1.55 -4.37
CA ASP B 59 42.81 1.14 -5.62
C ASP B 59 42.79 2.28 -6.64
N GLY B 60 42.37 3.46 -6.21
CA GLY B 60 42.36 4.65 -7.05
C GLY B 60 41.05 4.92 -7.75
N THR B 61 40.26 3.87 -7.96
CA THR B 61 38.97 4.02 -8.65
C THR B 61 37.88 4.52 -7.71
N SER B 62 36.80 5.02 -8.28
CA SER B 62 35.65 5.49 -7.50
C SER B 62 34.45 4.57 -7.69
N LEU B 63 33.71 4.37 -6.61
CA LEU B 63 32.57 3.46 -6.59
C LEU B 63 31.29 4.19 -6.23
N LYS B 64 30.21 3.88 -6.93
CA LYS B 64 28.90 4.44 -6.58
C LYS B 64 28.37 3.74 -5.33
N VAL B 65 27.91 4.55 -4.38
CA VAL B 65 27.45 4.02 -3.10
C VAL B 65 26.15 4.67 -2.64
N ALA B 66 25.54 4.05 -1.64
CA ALA B 66 24.38 4.62 -0.95
C ALA B 66 24.76 4.86 0.50
N VAL B 67 24.40 6.01 1.03
CA VAL B 67 24.83 6.41 2.36
C VAL B 67 23.64 6.58 3.30
N LYS B 68 23.52 5.67 4.26
CA LYS B 68 22.49 5.75 5.28
C LYS B 68 22.92 6.66 6.43
N THR B 69 22.17 7.73 6.63
CA THR B 69 22.44 8.68 7.71
C THR B 69 21.47 8.45 8.85
N MET B 70 21.94 7.77 9.90
CA MET B 70 21.11 7.39 11.03
C MET B 70 21.45 8.20 12.28
N LYS B 71 20.41 8.68 12.96
CA LYS B 71 20.58 9.50 14.15
C LYS B 71 20.61 8.64 15.41
N LEU B 72 21.74 8.67 16.10
CA LEU B 72 21.93 7.88 17.31
C LEU B 72 21.77 8.73 18.57
N ASP B 73 21.27 8.12 19.63
CA ASP B 73 21.14 8.78 20.92
C ASP B 73 22.53 9.09 21.47
N ASN B 74 22.93 10.35 21.39
CA ASN B 74 24.28 10.77 21.79
C ASN B 74 24.36 11.19 23.25
N SER B 75 23.25 11.07 23.97
CA SER B 75 23.25 11.34 25.41
C SER B 75 24.19 10.37 26.12
N SER B 76 24.44 9.24 25.46
CA SER B 76 25.41 8.26 25.92
C SER B 76 26.11 7.60 24.74
N GLN B 77 27.27 7.01 24.98
CA GLN B 77 27.98 6.27 23.94
C GLN B 77 27.48 4.82 23.87
N ARG B 78 26.38 4.55 24.57
CA ARG B 78 25.83 3.21 24.65
C ARG B 78 25.34 2.71 23.28
N GLU B 79 24.59 3.55 22.59
CA GLU B 79 24.06 3.17 21.28
C GLU B 79 25.14 3.20 20.21
N ILE B 80 26.19 3.98 20.45
CA ILE B 80 27.31 4.04 19.51
C ILE B 80 28.15 2.78 19.61
N GLU B 81 28.21 2.18 20.81
CA GLU B 81 28.92 0.93 21.00
C GLU B 81 28.28 -0.19 20.18
N GLU B 82 26.97 -0.35 20.33
CA GLU B 82 26.24 -1.37 19.58
C GLU B 82 26.38 -1.15 18.08
N PHE B 83 26.38 0.11 17.67
CA PHE B 83 26.49 0.45 16.25
C PHE B 83 27.84 0.01 15.68
N LEU B 84 28.92 0.40 16.36
CA LEU B 84 30.26 0.07 15.92
C LEU B 84 30.53 -1.42 16.00
N SER B 85 29.98 -2.07 17.03
CA SER B 85 30.16 -3.50 17.22
C SER B 85 29.55 -4.28 16.06
N GLU B 86 28.31 -3.96 15.71
CA GLU B 86 27.63 -4.63 14.61
C GLU B 86 28.30 -4.27 13.28
N ALA B 87 28.75 -3.03 13.17
CA ALA B 87 29.33 -2.52 11.93
C ALA B 87 30.58 -3.30 11.53
N ALA B 88 31.48 -3.53 12.48
CA ALA B 88 32.71 -4.26 12.19
C ALA B 88 32.38 -5.72 11.88
N CYS B 89 31.34 -6.24 12.52
CA CYS B 89 30.89 -7.60 12.24
C CYS B 89 30.25 -7.66 10.87
N MET B 90 29.53 -6.59 10.52
CA MET B 90 28.86 -6.46 9.24
C MET B 90 29.83 -6.41 8.06
N LYS B 91 31.03 -5.89 8.29
CA LYS B 91 32.02 -5.76 7.23
C LYS B 91 32.67 -7.09 6.88
N ASP B 92 32.66 -8.01 7.83
CA ASP B 92 33.23 -9.35 7.61
C ASP B 92 32.31 -10.24 6.80
N PHE B 93 31.03 -9.89 6.71
CA PHE B 93 30.07 -10.65 5.93
C PHE B 93 30.46 -10.70 4.46
N SER B 94 30.33 -11.90 3.87
CA SER B 94 30.68 -12.12 2.48
C SER B 94 29.80 -13.20 1.87
N HIS B 95 28.75 -12.77 1.17
CA HIS B 95 27.79 -13.70 0.58
C HIS B 95 27.04 -13.00 -0.55
N PRO B 96 26.85 -13.68 -1.70
CA PRO B 96 26.21 -13.01 -2.84
C PRO B 96 24.77 -12.54 -2.58
N ASN B 97 24.13 -13.08 -1.55
CA ASN B 97 22.77 -12.70 -1.19
C ASN B 97 22.71 -11.83 0.06
N VAL B 98 23.85 -11.21 0.40
CA VAL B 98 23.91 -10.25 1.49
C VAL B 98 24.68 -9.02 1.04
N ILE B 99 24.13 -7.84 1.31
CA ILE B 99 24.79 -6.60 0.92
C ILE B 99 26.01 -6.38 1.80
N ARG B 100 27.12 -5.98 1.19
CA ARG B 100 28.36 -5.81 1.92
C ARG B 100 28.49 -4.40 2.48
N LEU B 101 29.05 -4.30 3.69
CA LEU B 101 29.37 -3.01 4.27
C LEU B 101 30.73 -2.54 3.78
N LEU B 102 30.77 -1.36 3.17
CA LEU B 102 32.03 -0.80 2.69
C LEU B 102 32.78 -0.09 3.80
N GLY B 103 32.03 0.44 4.77
CA GLY B 103 32.62 1.14 5.89
C GLY B 103 31.69 2.20 6.44
N VAL B 104 32.18 2.99 7.40
CA VAL B 104 31.40 4.09 7.97
C VAL B 104 32.24 5.37 8.05
N CYS B 105 31.55 6.51 7.90
CA CYS B 105 32.17 7.83 8.00
C CYS B 105 31.52 8.64 9.12
N ILE B 106 32.24 9.63 9.62
CA ILE B 106 31.74 10.51 10.68
C ILE B 106 31.76 11.98 10.25
N GLU B 107 30.64 12.66 10.49
CA GLU B 107 30.51 14.08 10.19
C GLU B 107 30.69 14.92 11.45
N PRO B 116 27.91 10.34 11.91
CA PRO B 116 27.98 8.90 11.59
C PRO B 116 27.18 8.57 10.33
N MET B 117 27.79 7.78 9.44
CA MET B 117 27.17 7.44 8.16
C MET B 117 27.58 6.04 7.71
N VAL B 118 26.61 5.25 7.24
CA VAL B 118 26.89 3.88 6.79
C VAL B 118 27.01 3.82 5.27
N ILE B 119 28.17 3.42 4.78
CA ILE B 119 28.44 3.34 3.34
C ILE B 119 28.08 1.96 2.81
N LEU B 120 27.21 1.92 1.80
CA LEU B 120 26.78 0.67 1.19
C LEU B 120 26.86 0.78 -0.33
N PRO B 121 26.98 -0.37 -1.04
CA PRO B 121 27.03 -0.33 -2.50
C PRO B 121 25.75 0.19 -3.12
N PHE B 122 25.86 0.83 -4.28
CA PHE B 122 24.72 1.40 -4.97
C PHE B 122 24.09 0.39 -5.93
N MET B 123 22.83 0.04 -5.66
CA MET B 123 22.10 -0.92 -6.46
C MET B 123 21.16 -0.18 -7.42
N LYS B 124 21.59 -0.02 -8.66
CA LYS B 124 20.88 0.82 -9.63
C LYS B 124 19.50 0.27 -9.98
N TYR B 125 19.29 -1.03 -9.80
CA TYR B 125 17.99 -1.63 -10.06
C TYR B 125 17.04 -1.44 -8.88
N GLY B 126 17.59 -1.02 -7.74
CA GLY B 126 16.76 -0.61 -6.61
C GLY B 126 16.19 -1.75 -5.80
N ASP B 127 15.23 -1.42 -4.93
CA ASP B 127 14.62 -2.38 -4.03
C ASP B 127 13.67 -3.33 -4.76
N LEU B 128 13.47 -4.51 -4.19
CA LEU B 128 12.64 -5.53 -4.83
C LEU B 128 11.16 -5.16 -4.81
N HIS B 129 10.72 -4.54 -3.71
CA HIS B 129 9.31 -4.18 -3.56
C HIS B 129 8.83 -3.30 -4.70
N THR B 130 9.63 -2.29 -5.05
CA THR B 130 9.29 -1.38 -6.14
C THR B 130 9.33 -2.11 -7.48
N TYR B 131 10.27 -3.03 -7.62
CA TYR B 131 10.41 -3.79 -8.85
C TYR B 131 9.16 -4.63 -9.12
N LEU B 132 8.61 -5.20 -8.05
CA LEU B 132 7.40 -6.01 -8.15
C LEU B 132 6.21 -5.19 -8.65
N LEU B 133 6.12 -3.96 -8.16
CA LEU B 133 5.04 -3.06 -8.55
C LEU B 133 5.20 -2.63 -10.00
N TYR B 134 6.43 -2.33 -10.40
CA TYR B 134 6.72 -1.93 -11.77
C TYR B 134 6.39 -3.05 -12.76
N SER B 135 6.60 -4.29 -12.35
CA SER B 135 6.37 -5.43 -13.24
C SER B 135 4.91 -5.49 -13.67
N ARG B 136 4.03 -4.91 -12.86
CA ARG B 136 2.61 -4.87 -13.17
C ARG B 136 2.27 -3.80 -14.21
N LEU B 137 3.26 -2.98 -14.55
CA LEU B 137 3.06 -1.89 -15.50
C LEU B 137 3.70 -2.22 -16.85
N GLU B 138 3.24 -1.54 -17.90
CA GLU B 138 3.78 -1.72 -19.24
C GLU B 138 5.21 -1.22 -19.38
N THR B 139 5.47 0.01 -18.94
CA THR B 139 6.80 0.60 -19.05
C THR B 139 7.80 -0.19 -18.22
N GLY B 140 7.39 -0.61 -17.03
CA GLY B 140 8.23 -1.42 -16.17
C GLY B 140 8.51 -2.80 -16.73
N PRO B 141 9.26 -3.62 -15.98
CA PRO B 141 9.67 -4.98 -16.37
C PRO B 141 8.49 -5.88 -16.77
N LYS B 142 8.81 -6.95 -17.49
CA LYS B 142 7.80 -7.89 -17.95
C LYS B 142 7.09 -8.59 -16.80
N HIS B 143 6.05 -9.35 -17.12
CA HIS B 143 5.35 -10.17 -16.14
C HIS B 143 6.29 -11.21 -15.56
N ILE B 144 6.52 -11.13 -14.25
CA ILE B 144 7.44 -12.03 -13.58
C ILE B 144 6.79 -13.40 -13.35
N PRO B 145 7.32 -14.46 -14.00
CA PRO B 145 6.72 -15.78 -13.80
C PRO B 145 6.97 -16.34 -12.41
N LEU B 146 6.30 -17.43 -12.07
CA LEU B 146 6.41 -18.03 -10.74
C LEU B 146 7.83 -18.49 -10.45
N GLN B 147 8.52 -18.99 -11.48
CA GLN B 147 9.87 -19.50 -11.32
C GLN B 147 10.81 -18.39 -10.84
N THR B 148 10.65 -17.20 -11.41
CA THR B 148 11.48 -16.06 -11.05
C THR B 148 11.11 -15.57 -9.65
N LEU B 149 9.81 -15.60 -9.33
CA LEU B 149 9.34 -15.18 -8.01
C LEU B 149 9.92 -16.08 -6.93
N LEU B 150 9.95 -17.38 -7.20
CA LEU B 150 10.51 -18.33 -6.25
C LEU B 150 12.01 -18.11 -6.07
N LYS B 151 12.70 -17.78 -7.16
CA LYS B 151 14.14 -17.56 -7.09
C LYS B 151 14.46 -16.37 -6.21
N PHE B 152 13.59 -15.35 -6.24
CA PHE B 152 13.74 -14.21 -5.34
C PHE B 152 13.69 -14.68 -3.89
N MET B 153 12.74 -15.57 -3.60
CA MET B 153 12.57 -16.08 -2.24
C MET B 153 13.77 -16.91 -1.81
N VAL B 154 14.26 -17.75 -2.72
CA VAL B 154 15.45 -18.56 -2.44
C VAL B 154 16.65 -17.68 -2.11
N ASP B 155 16.88 -16.67 -2.94
CA ASP B 155 17.97 -15.72 -2.72
C ASP B 155 17.89 -15.12 -1.32
N ILE B 156 16.71 -14.67 -0.94
CA ILE B 156 16.50 -14.08 0.38
C ILE B 156 16.73 -15.14 1.46
N ALA B 157 16.27 -16.35 1.20
CA ALA B 157 16.43 -17.45 2.14
C ALA B 157 17.91 -17.79 2.33
N LEU B 158 18.67 -17.73 1.24
CA LEU B 158 20.11 -17.97 1.31
C LEU B 158 20.80 -16.86 2.10
N GLY B 159 20.34 -15.63 1.90
CA GLY B 159 20.90 -14.49 2.61
C GLY B 159 20.64 -14.60 4.10
N MET B 160 19.43 -15.01 4.47
CA MET B 160 19.06 -15.11 5.87
C MET B 160 19.74 -16.32 6.52
N GLU B 161 19.89 -17.39 5.75
CA GLU B 161 20.59 -18.59 6.21
C GLU B 161 22.02 -18.24 6.60
N TYR B 162 22.65 -17.38 5.81
CA TYR B 162 24.02 -16.94 6.06
C TYR B 162 24.11 -16.14 7.34
N LEU B 163 23.18 -15.21 7.53
CA LEU B 163 23.15 -14.37 8.72
C LEU B 163 22.75 -15.17 9.95
N SER B 164 21.87 -16.14 9.76
CA SER B 164 21.37 -16.95 10.86
C SER B 164 22.44 -17.87 11.43
N ASN B 165 23.34 -18.36 10.57
CA ASN B 165 24.43 -19.21 11.02
C ASN B 165 25.46 -18.44 11.83
N ARG B 166 25.51 -17.13 11.60
CA ARG B 166 26.40 -16.25 12.34
C ARG B 166 25.64 -15.53 13.46
N ASN B 167 24.44 -16.03 13.75
CA ASN B 167 23.62 -15.51 14.84
C ASN B 167 23.40 -14.00 14.75
N PHE B 168 23.30 -13.49 13.53
CA PHE B 168 23.04 -12.08 13.30
C PHE B 168 21.56 -11.87 13.00
N LEU B 169 20.92 -10.97 13.74
CA LEU B 169 19.51 -10.68 13.59
C LEU B 169 19.29 -9.50 12.64
N HIS B 170 18.35 -9.66 11.72
CA HIS B 170 18.05 -8.62 10.74
C HIS B 170 17.18 -7.52 11.35
N ARG B 171 16.08 -7.93 11.98
CA ARG B 171 15.21 -7.02 12.73
C ARG B 171 14.41 -6.05 11.86
N ASP B 172 14.50 -6.20 10.54
CA ASP B 172 13.77 -5.31 9.63
C ASP B 172 13.69 -5.90 8.22
N LEU B 173 13.35 -7.18 8.14
CA LEU B 173 13.24 -7.86 6.85
C LEU B 173 11.91 -7.56 6.17
N ALA B 174 11.99 -7.04 4.94
CA ALA B 174 10.80 -6.76 4.14
C ALA B 174 11.22 -6.62 2.68
N ALA B 175 10.26 -6.74 1.76
CA ALA B 175 10.56 -6.67 0.33
C ALA B 175 11.25 -5.36 -0.03
N ARG B 176 10.87 -4.29 0.65
CA ARG B 176 11.46 -2.97 0.41
C ARG B 176 12.93 -2.93 0.79
N ASN B 177 13.33 -3.84 1.69
CA ASN B 177 14.72 -3.90 2.15
C ASN B 177 15.54 -4.99 1.47
N CYS B 178 15.00 -5.54 0.38
CA CYS B 178 15.74 -6.48 -0.46
C CYS B 178 16.15 -5.78 -1.73
N MET B 179 17.43 -5.85 -2.06
CA MET B 179 18.00 -5.11 -3.18
C MET B 179 18.33 -6.04 -4.35
N LEU B 180 18.23 -5.50 -5.55
CA LEU B 180 18.50 -6.25 -6.76
C LEU B 180 19.90 -5.93 -7.29
N ARG B 181 20.75 -6.93 -7.45
CA ARG B 181 22.09 -6.70 -7.98
C ARG B 181 21.99 -6.61 -9.49
N ASP B 182 23.10 -6.27 -10.13
CA ASP B 182 23.10 -6.03 -11.56
C ASP B 182 22.86 -7.33 -12.34
N ASP B 183 23.04 -8.46 -11.68
CA ASP B 183 22.76 -9.76 -12.26
C ASP B 183 21.34 -10.24 -11.90
N MET B 184 20.54 -9.33 -11.38
CA MET B 184 19.15 -9.61 -11.00
C MET B 184 19.01 -10.68 -9.92
N THR B 185 20.09 -10.92 -9.17
CA THR B 185 20.01 -11.75 -7.98
C THR B 185 19.70 -10.86 -6.80
N VAL B 186 18.94 -11.38 -5.82
CA VAL B 186 18.51 -10.60 -4.68
C VAL B 186 19.46 -10.75 -3.51
N CYS B 187 19.66 -9.67 -2.77
CA CYS B 187 20.46 -9.69 -1.54
C CYS B 187 19.74 -8.88 -0.47
N VAL B 188 19.85 -9.34 0.77
CA VAL B 188 19.19 -8.67 1.89
C VAL B 188 20.02 -7.47 2.34
N ALA B 189 19.34 -6.44 2.83
CA ALA B 189 20.01 -5.23 3.28
C ALA B 189 19.25 -4.59 4.43
N ASP B 190 19.77 -3.46 4.92
CA ASP B 190 19.10 -2.70 5.97
C ASP B 190 19.03 -3.51 7.27
N PHE B 191 20.14 -4.12 7.66
CA PHE B 191 20.21 -4.91 8.88
C PHE B 191 21.29 -4.39 9.82
N PRO B 212 6.07 -0.47 10.67
CA PRO B 212 6.42 -1.79 10.15
C PRO B 212 5.76 -2.92 10.94
N VAL B 213 4.67 -2.61 11.61
CA VAL B 213 4.00 -3.54 12.52
C VAL B 213 3.57 -4.83 11.81
N LYS B 214 3.25 -4.72 10.52
CA LYS B 214 2.70 -5.84 9.78
C LYS B 214 3.74 -6.88 9.40
N TRP B 215 5.00 -6.65 9.79
CA TRP B 215 6.07 -7.61 9.54
C TRP B 215 6.62 -8.19 10.85
N ILE B 216 6.23 -7.59 11.98
CA ILE B 216 6.76 -7.99 13.27
C ILE B 216 6.00 -9.19 13.83
N ALA B 217 6.77 -10.16 14.34
CA ALA B 217 6.19 -11.40 14.87
C ALA B 217 5.34 -11.13 16.11
N ILE B 218 4.40 -12.03 16.37
CA ILE B 218 3.43 -11.84 17.45
C ILE B 218 4.09 -11.71 18.82
N GLU B 219 5.15 -12.47 19.06
CA GLU B 219 5.83 -12.43 20.36
C GLU B 219 6.63 -11.14 20.49
N SER B 220 7.07 -10.60 19.35
CA SER B 220 7.86 -9.37 19.35
C SER B 220 6.98 -8.14 19.51
N LEU B 221 5.66 -8.31 19.40
CA LEU B 221 4.72 -7.23 19.64
C LEU B 221 4.31 -7.20 21.10
N ALA B 222 3.98 -8.38 21.64
CA ALA B 222 3.60 -8.51 23.04
C ALA B 222 4.75 -8.12 23.95
N ASP B 223 5.93 -8.67 23.67
CA ASP B 223 7.13 -8.40 24.46
C ASP B 223 8.21 -7.80 23.58
N ARG B 224 9.38 -7.54 24.15
CA ARG B 224 10.52 -7.03 23.41
C ARG B 224 11.44 -8.17 23.01
N VAL B 225 10.87 -9.38 22.90
CA VAL B 225 11.62 -10.57 22.52
C VAL B 225 11.79 -10.64 21.00
N TYR B 226 13.02 -10.89 20.56
CA TYR B 226 13.30 -11.04 19.13
C TYR B 226 14.45 -12.01 18.91
N THR B 227 14.16 -13.06 18.12
CA THR B 227 15.15 -14.08 17.79
C THR B 227 15.19 -14.30 16.29
N SER B 228 15.95 -15.29 15.85
CA SER B 228 16.01 -15.64 14.44
C SER B 228 14.64 -16.10 13.93
N LYS B 229 13.86 -16.67 14.83
CA LYS B 229 12.50 -17.12 14.50
C LYS B 229 11.58 -15.93 14.24
N SER B 230 11.97 -14.76 14.74
CA SER B 230 11.23 -13.54 14.48
C SER B 230 11.52 -13.05 13.06
N ASP B 231 12.77 -13.21 12.63
CA ASP B 231 13.15 -12.91 11.25
C ASP B 231 12.42 -13.84 10.30
N VAL B 232 12.19 -15.07 10.74
CA VAL B 232 11.47 -16.06 9.93
C VAL B 232 10.04 -15.59 9.67
N TRP B 233 9.40 -15.02 10.69
CA TRP B 233 8.06 -14.47 10.55
C TRP B 233 8.06 -13.41 9.46
N ALA B 234 8.99 -12.46 9.56
CA ALA B 234 9.09 -11.37 8.60
C ALA B 234 9.41 -11.89 7.19
N PHE B 235 10.13 -13.00 7.13
CA PHE B 235 10.45 -13.61 5.85
C PHE B 235 9.17 -14.19 5.21
N GLY B 236 8.31 -14.77 6.04
CA GLY B 236 7.05 -15.29 5.56
C GLY B 236 6.19 -14.20 4.94
N VAL B 237 6.21 -13.02 5.56
CA VAL B 237 5.47 -11.87 5.03
C VAL B 237 6.13 -11.40 3.74
N THR B 238 7.46 -11.43 3.72
CA THR B 238 8.21 -11.00 2.53
C THR B 238 7.88 -11.92 1.36
N MET B 239 7.77 -13.22 1.62
CA MET B 239 7.34 -14.18 0.61
C MET B 239 5.98 -13.80 0.06
N TRP B 240 5.12 -13.32 0.96
CA TRP B 240 3.75 -12.97 0.60
C TRP B 240 3.72 -11.73 -0.26
N GLU B 241 4.55 -10.74 0.07
CA GLU B 241 4.69 -9.54 -0.75
C GLU B 241 5.06 -9.91 -2.17
N ILE B 242 5.96 -10.88 -2.30
CA ILE B 242 6.47 -11.31 -3.61
C ILE B 242 5.40 -12.06 -4.38
N ALA B 243 4.68 -12.95 -3.69
CA ALA B 243 3.64 -13.76 -4.33
C ALA B 243 2.48 -12.89 -4.79
N THR B 244 2.25 -11.78 -4.10
CA THR B 244 1.18 -10.85 -4.45
C THR B 244 1.70 -9.72 -5.34
N ARG B 245 2.99 -9.75 -5.63
CA ARG B 245 3.62 -8.76 -6.49
C ARG B 245 3.47 -7.35 -5.89
N GLY B 246 3.71 -7.23 -4.59
CA GLY B 246 3.86 -5.93 -3.95
C GLY B 246 2.67 -5.43 -3.16
N MET B 247 1.74 -6.31 -2.82
CA MET B 247 0.61 -5.90 -1.99
C MET B 247 1.06 -5.58 -0.57
N THR B 248 0.36 -4.66 0.07
CA THR B 248 0.58 -4.36 1.48
C THR B 248 -0.07 -5.47 2.30
N PRO B 249 0.66 -6.06 3.26
CA PRO B 249 0.10 -7.13 4.09
C PRO B 249 -1.22 -6.77 4.78
N TYR B 250 -2.08 -7.77 4.96
CA TYR B 250 -3.31 -7.63 5.73
C TYR B 250 -4.20 -6.49 5.23
N PRO B 251 -4.68 -6.60 3.99
CA PRO B 251 -5.63 -5.58 3.49
C PRO B 251 -6.92 -5.57 4.31
N GLY B 252 -7.38 -4.38 4.68
CA GLY B 252 -8.59 -4.23 5.47
C GLY B 252 -8.31 -4.20 6.96
N VAL B 253 -7.06 -4.50 7.35
CA VAL B 253 -6.66 -4.46 8.75
C VAL B 253 -5.61 -3.36 8.94
N GLN B 254 -5.85 -2.48 9.91
CA GLN B 254 -4.93 -1.39 10.19
C GLN B 254 -3.90 -1.79 11.23
N ASN B 255 -2.82 -1.02 11.30
CA ASN B 255 -1.68 -1.34 12.16
C ASN B 255 -2.06 -1.53 13.63
N HIS B 256 -2.89 -0.65 14.16
CA HIS B 256 -3.25 -0.70 15.57
C HIS B 256 -4.14 -1.89 15.90
N GLU B 257 -4.59 -2.61 14.88
CA GLU B 257 -5.45 -3.78 15.06
C GLU B 257 -4.70 -5.10 14.87
N MET B 258 -3.42 -5.02 14.52
CA MET B 258 -2.67 -6.21 14.12
C MET B 258 -2.50 -7.23 15.24
N TYR B 259 -2.11 -6.77 16.43
CA TYR B 259 -1.85 -7.67 17.55
C TYR B 259 -3.08 -8.53 17.88
N ASP B 260 -4.22 -7.87 18.02
CA ASP B 260 -5.47 -8.56 18.34
C ASP B 260 -5.91 -9.43 17.18
N TYR B 261 -5.58 -9.00 15.96
CA TYR B 261 -5.91 -9.76 14.76
C TYR B 261 -5.12 -11.07 14.76
N LEU B 262 -3.82 -10.96 15.05
CA LEU B 262 -2.96 -12.14 15.11
C LEU B 262 -3.26 -12.99 16.35
N LEU B 263 -3.54 -12.32 17.46
CA LEU B 263 -3.81 -13.01 18.71
C LEU B 263 -5.01 -13.94 18.60
N HIS B 264 -5.97 -13.59 17.75
CA HIS B 264 -7.15 -14.41 17.54
C HIS B 264 -6.91 -15.52 16.52
N GLY B 265 -5.67 -15.60 16.00
CA GLY B 265 -5.27 -16.71 15.16
C GLY B 265 -5.32 -16.46 13.67
N HIS B 266 -5.72 -15.24 13.27
CA HIS B 266 -5.80 -14.90 11.86
C HIS B 266 -4.42 -14.65 11.27
N ARG B 267 -4.24 -15.05 10.02
CA ARG B 267 -2.97 -14.90 9.32
C ARG B 267 -3.20 -14.41 7.89
N LEU B 268 -2.11 -14.09 7.19
CA LEU B 268 -2.20 -13.66 5.80
C LEU B 268 -2.85 -14.74 4.95
N LYS B 269 -3.82 -14.33 4.14
CA LYS B 269 -4.58 -15.25 3.32
C LYS B 269 -3.79 -15.67 2.09
N GLN B 270 -4.13 -16.82 1.53
CA GLN B 270 -3.45 -17.34 0.35
C GLN B 270 -3.81 -16.51 -0.88
N PRO B 271 -2.81 -15.95 -1.58
CA PRO B 271 -3.13 -15.25 -2.83
C PRO B 271 -3.78 -16.20 -3.83
N GLU B 272 -4.60 -15.66 -4.74
CA GLU B 272 -5.48 -16.47 -5.56
C GLU B 272 -4.77 -17.55 -6.37
N ASP B 273 -3.67 -17.19 -7.04
CA ASP B 273 -2.96 -18.12 -7.91
C ASP B 273 -1.64 -18.61 -7.28
N CYS B 274 -1.60 -18.66 -5.96
CA CYS B 274 -0.43 -19.16 -5.24
C CYS B 274 -0.60 -20.65 -4.98
N LEU B 275 0.43 -21.43 -5.27
CA LEU B 275 0.36 -22.88 -5.09
C LEU B 275 0.18 -23.21 -3.62
N ASP B 276 -0.59 -24.27 -3.35
CA ASP B 276 -0.81 -24.73 -1.99
C ASP B 276 0.50 -25.03 -1.30
N GLU B 277 1.41 -25.69 -2.03
CA GLU B 277 2.70 -26.07 -1.48
C GLU B 277 3.50 -24.83 -1.08
N LEU B 278 3.39 -23.77 -1.87
CA LEU B 278 4.10 -22.53 -1.58
C LEU B 278 3.48 -21.84 -0.38
N TYR B 279 2.15 -21.86 -0.29
CA TYR B 279 1.45 -21.22 0.81
C TYR B 279 1.74 -21.92 2.14
N GLU B 280 1.92 -23.24 2.08
CA GLU B 280 2.26 -24.02 3.27
C GLU B 280 3.59 -23.56 3.86
N ILE B 281 4.54 -23.24 3.00
CA ILE B 281 5.87 -22.82 3.43
C ILE B 281 5.79 -21.50 4.19
N MET B 282 5.16 -20.50 3.59
CA MET B 282 5.10 -19.18 4.21
C MET B 282 4.21 -19.22 5.45
N TYR B 283 3.23 -20.12 5.47
CA TYR B 283 2.33 -20.24 6.61
C TYR B 283 3.07 -20.78 7.83
N SER B 284 4.04 -21.66 7.59
CA SER B 284 4.83 -22.24 8.67
C SER B 284 5.65 -21.17 9.40
N CYS B 285 5.83 -20.03 8.74
CA CYS B 285 6.60 -18.93 9.32
C CYS B 285 5.79 -18.14 10.33
N TRP B 286 4.48 -18.34 10.34
CA TRP B 286 3.58 -17.53 11.17
C TRP B 286 2.98 -18.32 12.34
N ARG B 287 3.56 -19.48 12.64
CA ARG B 287 3.08 -20.29 13.75
C ARG B 287 3.28 -19.56 15.07
N THR B 288 2.28 -19.63 15.94
CA THR B 288 2.25 -18.87 17.17
C THR B 288 3.51 -19.09 18.01
N ASP B 289 3.86 -20.35 18.21
CA ASP B 289 5.05 -20.71 18.97
C ASP B 289 6.28 -20.59 18.07
N PRO B 290 7.24 -19.70 18.42
CA PRO B 290 8.42 -19.51 17.58
C PRO B 290 9.20 -20.80 17.33
N LEU B 291 9.14 -21.72 18.29
CA LEU B 291 9.89 -22.97 18.18
C LEU B 291 9.32 -23.89 17.10
N ASP B 292 8.06 -23.69 16.75
CA ASP B 292 7.40 -24.50 15.74
C ASP B 292 7.76 -24.06 14.33
N ARG B 293 8.31 -22.86 14.21
CA ARG B 293 8.70 -22.33 12.91
C ARG B 293 9.99 -22.98 12.44
N PRO B 294 10.12 -23.22 11.12
CA PRO B 294 11.36 -23.81 10.61
C PRO B 294 12.49 -22.80 10.55
N THR B 295 13.73 -23.30 10.55
CA THR B 295 14.89 -22.44 10.39
C THR B 295 15.02 -22.01 8.94
N PHE B 296 15.89 -21.04 8.67
CA PHE B 296 16.10 -20.55 7.32
C PHE B 296 16.73 -21.62 6.44
N SER B 297 17.57 -22.47 7.03
CA SER B 297 18.23 -23.54 6.29
C SER B 297 17.19 -24.56 5.82
N VAL B 298 16.16 -24.77 6.63
CA VAL B 298 15.06 -25.66 6.25
C VAL B 298 14.24 -25.00 5.15
N LEU B 299 13.80 -23.78 5.40
CA LEU B 299 12.99 -23.03 4.44
C LEU B 299 13.67 -22.90 3.09
N ARG B 300 14.98 -22.67 3.12
CA ARG B 300 15.75 -22.48 1.89
C ARG B 300 15.69 -23.73 1.02
N LEU B 301 15.83 -24.91 1.64
CA LEU B 301 15.83 -26.16 0.90
C LEU B 301 14.43 -26.51 0.39
N GLN B 302 13.41 -26.17 1.17
CA GLN B 302 12.03 -26.40 0.76
C GLN B 302 11.69 -25.58 -0.48
N LEU B 303 12.10 -24.32 -0.48
CA LEU B 303 11.88 -23.43 -1.62
C LEU B 303 12.68 -23.87 -2.84
N GLU B 304 13.91 -24.31 -2.62
CA GLU B 304 14.77 -24.75 -3.71
C GLU B 304 14.21 -25.97 -4.42
N LYS B 305 13.75 -26.96 -3.67
CA LYS B 305 13.19 -28.16 -4.27
C LYS B 305 11.88 -27.87 -4.99
N LEU B 306 11.05 -27.02 -4.38
CA LEU B 306 9.78 -26.64 -4.98
C LEU B 306 10.02 -25.92 -6.30
N LEU B 307 11.09 -25.13 -6.36
CA LEU B 307 11.44 -24.41 -7.57
C LEU B 307 11.87 -25.38 -8.66
N GLU B 308 12.70 -26.37 -8.28
CA GLU B 308 13.21 -27.35 -9.22
C GLU B 308 12.10 -28.28 -9.74
N SER B 309 10.98 -28.34 -9.02
CA SER B 309 9.89 -29.22 -9.40
C SER B 309 9.03 -28.61 -10.51
N LEU B 310 9.22 -27.32 -10.77
CA LEU B 310 8.52 -26.63 -11.84
C LEU B 310 9.26 -26.78 -13.17
N PRO B 311 8.58 -26.55 -14.29
CA PRO B 311 9.24 -26.60 -15.60
C PRO B 311 9.81 -25.24 -16.02
CL CL C . 2.53 4.78 -12.40
CL CL D . -1.01 -3.59 -4.64
CL CL E . -16.19 -8.50 0.86
CL CL F . -27.87 4.23 21.05
MG MG G . -13.17 8.25 3.62
C01 MH7 H . -18.11 6.46 3.10
C02 MH7 H . -19.62 6.37 3.19
C03 MH7 H . -20.08 5.56 4.41
C04 MH7 H . -21.10 4.45 4.00
N05 MH7 H . -21.47 3.68 5.17
C06 MH7 H . -20.71 2.47 5.48
N07 MH7 H . -21.29 1.26 5.34
C08 MH7 H . -20.59 0.13 5.62
C09 MH7 H . -19.26 0.19 6.06
C10 MH7 H . -18.33 -0.99 6.43
O11 MH7 H . -17.22 -0.64 6.77
N12 MH7 H . -18.58 -2.44 6.41
C13 MH7 H . -19.81 -3.11 6.03
C14 MH7 H . -17.50 -3.39 6.78
C15 MH7 H . -17.04 -4.08 5.45
C16 MH7 H . -17.21 -5.58 5.44
C17 MH7 H . -16.85 -6.19 4.06
C18 MH7 H . -18.70 1.50 6.19
N19 MH7 H . -17.32 1.73 6.64
C20 MH7 H . -16.84 3.08 6.69
C21 MH7 H . -16.29 3.44 5.32
C22 MH7 H . -15.67 4.83 5.32
C23 MH7 H . -14.65 5.00 6.40
O24 MH7 H . -14.28 6.36 6.48
C25 MH7 H . -15.16 4.55 7.78
C26 MH7 H . -15.78 3.17 7.76
N27 MH7 H . -19.44 2.59 5.90
H012 MH7 H . -17.74 5.57 3.04
H011 MH7 H . -17.78 6.91 3.89
H013 MH7 H . -17.87 6.98 2.29
H021 MH7 H . -19.96 5.94 2.38
H022 MH7 H . -19.99 7.27 3.26
H031 MH7 H . -19.29 5.14 4.83
H032 MH7 H . -20.52 6.16 5.05
H041 MH7 H . -20.70 3.87 3.32
H042 MH7 H . -21.91 4.88 3.64
H051 MH7 H . -22.15 3.94 5.70
H081 MH7 H . -21.02 -0.74 5.52
H133 MH7 H . -20.00 -3.83 6.69
H131 MH7 H . -19.71 -3.49 5.14
H132 MH7 H . -20.55 -2.46 6.04
H141 MH7 H . -17.82 -4.05 7.44
H142 MH7 H . -16.73 -2.89 7.15
H152 MH7 H . -16.12 -3.85 5.30
H151 MH7 H . -17.58 -3.71 4.72
H162 MH7 H . -16.60 -5.97 6.13
H161 MH7 H . -18.13 -5.82 5.66
H172 MH7 H . -16.91 -7.17 4.11
H173 MH7 H . -15.94 -5.92 3.80
H171 MH7 H . -17.49 -5.85 3.39
H191 MH7 H . -16.78 1.03 6.87
H201 MH7 H . -17.57 3.68 6.92
H212 MH7 H . -15.59 2.79 5.06
H211 MH7 H . -17.01 3.41 4.66
H221 MH7 H . -16.40 5.49 5.45
H222 MH7 H . -15.26 4.99 4.44
H231 MH7 H . -13.86 4.47 6.17
H241 MH7 H . -13.40 6.43 6.41
H251 MH7 H . -14.40 4.56 8.41
H252 MH7 H . -15.83 5.20 8.10
H261 MH7 H . -16.22 3.05 8.62
H262 MH7 H . -15.06 2.54 7.52
CL CL I . 27.51 -6.46 -2.03
CL CL J . -4.50 -11.12 3.94
CL CL K . 30.21 15.82 0.18
CL CL L . 14.41 -1.34 -12.56
MG MG M . 5.30 -5.28 -16.93
#